data_3V9Z
#
_entry.id   3V9Z
#
_cell.length_a   96.422
_cell.length_b   106.092
_cell.length_c   46.952
_cell.angle_alpha   90.00
_cell.angle_beta   90.00
_cell.angle_gamma   90.00
#
_symmetry.space_group_name_H-M   'P 21 21 2'
#
loop_
_entity.id
_entity.type
_entity.pdbx_description
1 polymer 'Ribonuclease T'
2 polymer "DNA (5'-D(*TP*TP*AP*CP*AP*CP*C)-3')"
3 non-polymer 'MAGNESIUM ION'
4 non-polymer 'COBALT (II) ION'
5 water water
#
loop_
_entity_poly.entity_id
_entity_poly.type
_entity_poly.pdbx_seq_one_letter_code
_entity_poly.pdbx_strand_id
1 'polypeptide(L)'
;MGSSHHHHHHSSGLVPRGSHMSDNAQLTGLCDRFRGFYPVVIDVETAGFNAKTDALLEIAAITLKMDEQGWLMPDTTLHF
HVEPFVGANLQPEALAFNGIDPNDPDRGAVSEYEALHEIFKVVRKGIKASGCNRAIMVAHNANFDHSFMMAAAERASLKR
NPFHPFATFDTAALAGLALGQTVLSKACQTAGMDFDSTQAHSALYDTERTAVLFCEIVNRWKRLGGWPLSAAEEV
;
A,B
2 'polydeoxyribonucleotide' (DT)(DT)(DA)(DC)(DA)(DC)(DC) C,D
#
loop_
_chem_comp.id
_chem_comp.type
_chem_comp.name
_chem_comp.formula
CO non-polymer 'COBALT (II) ION' 'Co 2'
DA DNA linking 2'-DEOXYADENOSINE-5'-MONOPHOSPHATE 'C10 H14 N5 O6 P'
DC DNA linking 2'-DEOXYCYTIDINE-5'-MONOPHOSPHATE 'C9 H14 N3 O7 P'
DT DNA linking THYMIDINE-5'-MONOPHOSPHATE 'C10 H15 N2 O8 P'
MG non-polymer 'MAGNESIUM ION' 'Mg 2'
#
# COMPACT_ATOMS: atom_id res chain seq x y z
N LEU A 27 -15.32 20.31 10.62
CA LEU A 27 -14.72 19.02 10.23
C LEU A 27 -13.20 19.11 10.13
N THR A 28 -12.56 19.30 11.28
CA THR A 28 -11.10 19.30 11.39
C THR A 28 -10.70 18.24 12.39
N GLY A 29 -11.61 17.30 12.65
CA GLY A 29 -11.35 16.20 13.55
C GLY A 29 -10.69 15.05 12.83
N LEU A 30 -9.89 14.29 13.55
CA LEU A 30 -9.21 13.14 12.98
C LEU A 30 -10.21 12.13 12.45
N CYS A 31 -11.36 12.03 13.11
CA CYS A 31 -12.39 11.07 12.72
C CYS A 31 -13.03 11.41 11.38
N ASP A 32 -12.88 12.66 10.96
CA ASP A 32 -13.44 13.14 9.70
C ASP A 32 -12.49 12.95 8.50
N ARG A 33 -11.22 12.69 8.77
CA ARG A 33 -10.20 12.76 7.73
C ARG A 33 -10.06 11.49 6.88
N PHE A 34 -10.18 10.34 7.54
CA PHE A 34 -9.98 9.05 6.89
C PHE A 34 -11.15 8.11 7.14
N ARG A 35 -12.36 8.63 6.95
CA ARG A 35 -13.61 7.88 7.11
C ARG A 35 -13.70 7.04 8.38
N GLY A 36 -13.13 7.55 9.46
CA GLY A 36 -13.24 6.90 10.76
C GLY A 36 -12.04 6.05 11.12
N PHE A 37 -11.06 5.97 10.22
CA PHE A 37 -9.82 5.24 10.53
C PHE A 37 -8.89 6.11 11.35
N TYR A 38 -8.30 5.47 12.37
CA TYR A 38 -7.34 6.10 13.27
C TYR A 38 -5.95 5.66 12.85
N PRO A 39 -5.20 6.54 12.17
CA PRO A 39 -3.90 6.11 11.62
C PRO A 39 -2.82 5.92 12.70
N VAL A 40 -2.16 4.77 12.68
CA VAL A 40 -1.10 4.46 13.64
C VAL A 40 0.14 4.02 12.87
N VAL A 41 1.24 4.74 13.06
CA VAL A 41 2.49 4.46 12.36
C VAL A 41 3.21 3.31 13.06
N ILE A 42 3.65 2.33 12.28
CA ILE A 42 4.28 1.14 12.84
C ILE A 42 5.52 0.78 12.01
N ASP A 43 6.60 0.42 12.68
CA ASP A 43 7.71 -0.23 11.99
C ASP A 43 8.19 -1.42 12.80
N VAL A 44 8.71 -2.43 12.10
CA VAL A 44 9.19 -3.64 12.71
C VAL A 44 10.61 -3.96 12.24
N GLU A 45 11.40 -4.61 13.10
CA GLU A 45 12.61 -5.27 12.64
C GLU A 45 12.41 -6.76 12.87
N THR A 46 12.95 -7.58 11.97
CA THR A 46 12.62 -9.00 11.97
C THR A 46 13.87 -9.85 11.73
N ALA A 47 13.74 -11.16 11.90
CA ALA A 47 14.83 -12.08 11.60
C ALA A 47 14.62 -12.74 10.25
N GLY A 48 13.95 -12.05 9.32
CA GLY A 48 13.76 -12.57 7.99
C GLY A 48 12.56 -12.00 7.24
N PHE A 49 12.17 -12.65 6.15
CA PHE A 49 11.16 -12.10 5.26
C PHE A 49 9.77 -12.73 5.44
N ASN A 50 9.71 -13.83 6.17
CA ASN A 50 8.49 -14.58 6.33
C ASN A 50 7.83 -14.31 7.68
N ALA A 51 6.68 -13.63 7.64
CA ALA A 51 6.00 -13.18 8.84
C ALA A 51 5.47 -14.34 9.67
N LYS A 52 5.22 -15.46 9.01
CA LYS A 52 4.69 -16.64 9.68
C LYS A 52 5.75 -17.39 10.49
N THR A 53 6.96 -17.43 9.97
CA THR A 53 7.98 -18.32 10.52
C THR A 53 9.16 -17.62 11.16
N ASP A 54 9.39 -16.36 10.82
CA ASP A 54 10.60 -15.67 11.26
C ASP A 54 10.32 -14.77 12.46
N ALA A 55 11.30 -14.64 13.34
CA ALA A 55 11.11 -13.86 14.57
C ALA A 55 10.83 -12.38 14.32
N LEU A 56 9.99 -11.83 15.18
CA LEU A 56 9.82 -10.38 15.29
C LEU A 56 10.82 -9.92 16.35
N LEU A 57 11.62 -8.90 16.03
CA LEU A 57 12.71 -8.51 16.91
C LEU A 57 12.58 -7.10 17.53
N GLU A 58 11.87 -6.19 16.86
CA GLU A 58 11.59 -4.87 17.40
C GLU A 58 10.28 -4.37 16.81
N ILE A 59 9.54 -3.60 17.59
CA ILE A 59 8.35 -2.93 17.07
C ILE A 59 8.23 -1.58 17.76
N ALA A 60 7.85 -0.56 16.98
CA ALA A 60 7.55 0.75 17.52
C ALA A 60 6.24 1.21 16.91
N ALA A 61 5.55 2.10 17.63
CA ALA A 61 4.23 2.56 17.22
C ALA A 61 4.08 4.02 17.61
N ILE A 62 3.52 4.81 16.71
CA ILE A 62 3.25 6.20 17.00
C ILE A 62 1.82 6.53 16.57
N THR A 63 0.99 6.90 17.53
CA THR A 63 -0.36 7.32 17.20
C THR A 63 -0.28 8.78 16.79
N LEU A 64 -1.30 9.25 16.08
CA LEU A 64 -1.33 10.62 15.61
C LEU A 64 -2.54 11.35 16.18
N LYS A 65 -2.49 12.68 16.17
CA LYS A 65 -3.62 13.48 16.61
C LYS A 65 -3.75 14.67 15.69
N MET A 66 -4.92 15.29 15.66
CA MET A 66 -5.06 16.53 14.91
C MET A 66 -5.43 17.68 15.83
N ASP A 67 -4.78 18.82 15.62
CA ASP A 67 -5.09 19.98 16.46
C ASP A 67 -6.43 20.58 16.06
N GLU A 68 -6.82 21.66 16.72
CA GLU A 68 -8.13 22.26 16.51
C GLU A 68 -8.34 22.73 15.07
N GLN A 69 -7.27 23.13 14.39
CA GLN A 69 -7.35 23.58 13.01
C GLN A 69 -7.15 22.48 11.98
N GLY A 70 -6.99 21.24 12.44
CA GLY A 70 -6.95 20.09 11.55
C GLY A 70 -5.56 19.72 11.01
N TRP A 71 -4.51 20.18 11.68
CA TRP A 71 -3.16 19.78 11.31
C TRP A 71 -2.78 18.49 12.04
N LEU A 72 -2.10 17.59 11.35
CA LEU A 72 -1.79 16.27 11.89
C LEU A 72 -0.38 16.23 12.49
N MET A 73 -0.23 15.55 13.63
CA MET A 73 1.08 15.44 14.28
C MET A 73 1.13 14.20 15.17
N PRO A 74 2.35 13.75 15.52
CA PRO A 74 2.45 12.59 16.41
C PRO A 74 1.83 12.87 17.78
N ASP A 75 1.30 11.82 18.39
CA ASP A 75 0.68 11.87 19.72
C ASP A 75 1.52 11.02 20.67
N THR A 76 1.26 9.72 20.74
CA THR A 76 1.94 8.83 21.68
C THR A 76 2.96 7.89 20.99
N THR A 77 4.14 7.78 21.57
CA THR A 77 5.20 6.91 21.01
C THR A 77 5.52 5.72 21.92
N LEU A 78 5.43 4.51 21.38
CA LEU A 78 5.83 3.29 22.10
C LEU A 78 6.95 2.61 21.32
N HIS A 79 7.83 1.90 22.03
CA HIS A 79 8.91 1.17 21.38
C HIS A 79 9.37 -0.01 22.24
N PHE A 80 9.71 -1.12 21.58
CA PHE A 80 10.04 -2.36 22.29
C PHE A 80 11.11 -3.15 21.55
N HIS A 81 12.03 -3.73 22.32
CA HIS A 81 12.83 -4.83 21.82
C HIS A 81 12.07 -6.10 22.12
N VAL A 82 11.96 -6.99 21.14
CA VAL A 82 11.07 -8.14 21.27
C VAL A 82 11.84 -9.47 21.29
N GLU A 83 11.46 -10.34 22.19
CA GLU A 83 12.06 -11.67 22.31
C GLU A 83 11.54 -12.59 21.19
N PRO A 84 12.44 -13.34 20.54
CA PRO A 84 11.98 -14.25 19.48
C PRO A 84 10.95 -15.23 20.01
N PHE A 85 9.85 -15.41 19.29
CA PHE A 85 8.85 -16.39 19.75
C PHE A 85 9.46 -17.79 19.78
N VAL A 86 8.94 -18.65 20.64
CA VAL A 86 9.48 -19.99 20.73
C VAL A 86 9.16 -20.78 19.46
N GLY A 87 10.20 -21.29 18.81
CA GLY A 87 10.04 -21.97 17.54
C GLY A 87 10.41 -21.11 16.34
N ALA A 88 10.67 -19.83 16.58
CA ALA A 88 11.00 -18.90 15.49
C ALA A 88 12.27 -19.26 14.74
N ASN A 89 12.23 -19.08 13.42
CA ASN A 89 13.45 -19.13 12.62
C ASN A 89 14.16 -17.79 12.67
N LEU A 90 15.48 -17.82 12.63
CA LEU A 90 16.28 -16.60 12.52
C LEU A 90 17.30 -16.70 11.40
N GLN A 91 17.06 -15.95 10.34
CA GLN A 91 17.95 -15.94 9.18
C GLN A 91 19.22 -15.16 9.45
N PRO A 92 20.38 -15.80 9.30
CA PRO A 92 21.65 -15.10 9.52
C PRO A 92 21.75 -13.80 8.70
N GLU A 93 21.27 -13.83 7.47
CA GLU A 93 21.36 -12.66 6.60
C GLU A 93 20.54 -11.50 7.15
N ALA A 94 19.41 -11.82 7.77
CA ALA A 94 18.54 -10.79 8.37
C ALA A 94 19.27 -10.10 9.52
N LEU A 95 19.91 -10.89 10.38
CA LEU A 95 20.64 -10.37 11.53
C LEU A 95 21.87 -9.58 11.09
N ALA A 96 22.52 -10.02 10.03
CA ALA A 96 23.65 -9.27 9.48
C ALA A 96 23.19 -7.93 8.91
N PHE A 97 21.96 -7.90 8.38
CA PHE A 97 21.41 -6.67 7.84
C PHE A 97 21.07 -5.64 8.92
N ASN A 98 20.31 -6.05 9.94
CA ASN A 98 19.82 -5.12 10.94
C ASN A 98 20.71 -4.99 12.17
N GLY A 99 21.72 -5.87 12.28
CA GLY A 99 22.69 -5.77 13.36
C GLY A 99 22.21 -6.26 14.71
N ILE A 100 21.04 -6.87 14.74
CA ILE A 100 20.48 -7.32 16.01
C ILE A 100 21.02 -8.69 16.43
N ASP A 101 21.43 -8.78 17.70
CA ASP A 101 21.78 -10.06 18.31
C ASP A 101 20.75 -10.39 19.38
N PRO A 102 19.79 -11.24 19.04
CA PRO A 102 18.68 -11.59 19.95
C PRO A 102 19.16 -12.28 21.23
N ASN A 103 20.39 -12.79 21.23
CA ASN A 103 20.93 -13.50 22.39
C ASN A 103 21.62 -12.58 23.42
N ASP A 104 21.79 -11.31 23.07
CA ASP A 104 22.37 -10.32 23.98
C ASP A 104 21.42 -10.00 25.15
N PRO A 105 21.81 -10.43 26.37
CA PRO A 105 20.93 -10.32 27.55
C PRO A 105 20.72 -8.89 28.02
N ASP A 106 21.43 -7.93 27.43
CA ASP A 106 21.30 -6.54 27.83
C ASP A 106 20.38 -5.76 26.90
N ARG A 107 19.62 -6.47 26.07
CA ARG A 107 18.79 -5.81 25.06
C ARG A 107 17.40 -5.42 25.55
N GLY A 108 17.09 -5.70 26.82
CA GLY A 108 15.85 -5.26 27.43
C GLY A 108 14.62 -5.69 26.64
N ALA A 109 14.63 -6.94 26.20
CA ALA A 109 13.55 -7.48 25.38
C ALA A 109 12.32 -7.85 26.22
N VAL A 110 11.14 -7.74 25.61
CA VAL A 110 9.89 -8.17 26.22
C VAL A 110 9.19 -9.11 25.25
N SER A 111 8.17 -9.83 25.73
CA SER A 111 7.45 -10.77 24.87
C SER A 111 6.59 -10.05 23.84
N GLU A 112 6.27 -10.73 22.75
CA GLU A 112 5.31 -10.23 21.78
C GLU A 112 4.02 -9.83 22.47
N TYR A 113 3.55 -10.68 23.38
CA TYR A 113 2.34 -10.35 24.13
C TYR A 113 2.48 -9.00 24.84
N GLU A 114 3.57 -8.83 25.58
CA GLU A 114 3.74 -7.61 26.35
C GLU A 114 3.76 -6.39 25.44
N ALA A 115 4.46 -6.52 24.32
CA ALA A 115 4.63 -5.39 23.40
C ALA A 115 3.31 -5.03 22.73
N LEU A 116 2.65 -6.02 22.15
CA LEU A 116 1.41 -5.74 21.43
C LEU A 116 0.24 -5.39 22.37
N HIS A 117 0.17 -6.04 23.53
CA HIS A 117 -0.86 -5.69 24.49
C HIS A 117 -0.80 -4.21 24.85
N GLU A 118 0.39 -3.67 25.01
CA GLU A 118 0.50 -2.26 25.37
C GLU A 118 0.17 -1.36 24.18
N ILE A 119 0.65 -1.72 22.99
CA ILE A 119 0.31 -0.95 21.80
C ILE A 119 -1.21 -0.91 21.64
N PHE A 120 -1.84 -2.09 21.70
CA PHE A 120 -3.29 -2.18 21.47
C PHE A 120 -4.08 -1.34 22.48
N LYS A 121 -3.60 -1.30 23.72
CA LYS A 121 -4.25 -0.55 24.79
C LYS A 121 -4.22 0.95 24.49
N VAL A 122 -3.05 1.45 24.12
CA VAL A 122 -2.91 2.85 23.75
C VAL A 122 -3.79 3.16 22.55
N VAL A 123 -3.82 2.24 21.60
CA VAL A 123 -4.59 2.45 20.37
C VAL A 123 -6.10 2.47 20.59
N ARG A 124 -6.62 1.51 21.35
CA ARG A 124 -8.04 1.51 21.68
C ARG A 124 -8.45 2.80 22.38
N LYS A 125 -7.60 3.27 23.28
CA LYS A 125 -7.85 4.50 24.01
C LYS A 125 -7.97 5.69 23.07
N GLY A 126 -7.08 5.76 22.08
CA GLY A 126 -7.08 6.86 21.13
C GLY A 126 -8.24 6.80 20.15
N ILE A 127 -8.67 5.60 19.80
CA ILE A 127 -9.82 5.41 18.92
C ILE A 127 -11.07 5.93 19.62
N LYS A 128 -11.20 5.64 20.90
CA LYS A 128 -12.34 6.08 21.69
C LYS A 128 -12.32 7.60 21.88
N ALA A 129 -11.17 8.14 22.26
CA ALA A 129 -11.03 9.55 22.54
C ALA A 129 -11.24 10.41 21.29
N SER A 130 -10.92 9.87 20.13
CA SER A 130 -10.98 10.64 18.90
C SER A 130 -12.30 10.44 18.15
N GLY A 131 -13.09 9.46 18.58
CA GLY A 131 -14.33 9.14 17.92
C GLY A 131 -14.16 8.36 16.64
N CYS A 132 -13.01 7.71 16.49
CA CYS A 132 -12.77 6.87 15.33
C CYS A 132 -13.41 5.50 15.56
N ASN A 133 -13.41 4.63 14.55
CA ASN A 133 -13.98 3.31 14.78
C ASN A 133 -13.01 2.15 14.60
N ARG A 134 -11.84 2.42 14.04
CA ARG A 134 -10.88 1.38 13.76
C ARG A 134 -9.50 1.98 13.48
N ALA A 135 -8.47 1.22 13.81
CA ALA A 135 -7.10 1.66 13.52
C ALA A 135 -6.68 1.22 12.11
N ILE A 136 -5.85 2.01 11.45
CA ILE A 136 -5.25 1.59 10.19
C ILE A 136 -3.74 1.79 10.29
N MET A 137 -2.98 0.77 9.91
CA MET A 137 -1.53 0.87 10.00
C MET A 137 -0.95 1.74 8.89
N VAL A 138 -0.08 2.65 9.30
CA VAL A 138 0.72 3.48 8.41
C VAL A 138 2.14 2.94 8.51
N ALA A 139 2.70 2.52 7.38
CA ALA A 139 4.03 1.91 7.37
C ALA A 139 4.67 2.05 5.99
N HIS A 140 5.98 1.89 5.93
CA HIS A 140 6.69 2.05 4.66
C HIS A 140 6.86 0.70 3.94
N ASN A 141 6.21 0.55 2.80
CA ASN A 141 5.97 -0.76 2.18
C ASN A 141 5.16 -1.56 3.20
N ALA A 142 3.97 -1.05 3.48
CA ALA A 142 3.18 -1.43 4.66
C ALA A 142 2.78 -2.90 4.78
N ASN A 143 2.69 -3.62 3.67
CA ASN A 143 2.24 -5.00 3.79
C ASN A 143 3.18 -5.80 4.70
N PHE A 144 4.46 -5.49 4.60
CA PHE A 144 5.50 -6.19 5.37
C PHE A 144 5.24 -6.08 6.88
N ASP A 145 5.16 -4.85 7.39
CA ASP A 145 4.93 -4.62 8.82
C ASP A 145 3.55 -5.09 9.26
N HIS A 146 2.56 -4.97 8.38
CA HIS A 146 1.22 -5.42 8.71
C HIS A 146 1.23 -6.93 8.93
N SER A 147 1.85 -7.65 8.01
CA SER A 147 1.89 -9.12 8.10
C SER A 147 2.62 -9.58 9.36
N PHE A 148 3.73 -8.93 9.71
CA PHE A 148 4.45 -9.29 10.92
C PHE A 148 3.66 -8.96 12.18
N MET A 149 3.13 -7.74 12.27
CA MET A 149 2.38 -7.36 13.45
C MET A 149 1.16 -8.27 13.64
N MET A 150 0.48 -8.61 12.55
CA MET A 150 -0.69 -9.46 12.63
C MET A 150 -0.31 -10.88 13.06
N ALA A 151 0.81 -11.38 12.55
CA ALA A 151 1.25 -12.73 12.92
C ALA A 151 1.61 -12.82 14.40
N ALA A 152 2.27 -11.79 14.93
CA ALA A 152 2.61 -11.74 16.35
C ALA A 152 1.36 -11.63 17.24
N ALA A 153 0.39 -10.84 16.79
CA ALA A 153 -0.87 -10.73 17.50
C ALA A 153 -1.55 -12.08 17.64
N GLU A 154 -1.56 -12.85 16.56
CA GLU A 154 -2.17 -14.19 16.57
C GLU A 154 -1.42 -15.13 17.51
N ARG A 155 -0.09 -15.15 17.41
CA ARG A 155 0.72 -15.97 18.29
C ARG A 155 0.47 -15.64 19.76
N ALA A 156 0.31 -14.36 20.05
CA ALA A 156 0.09 -13.90 21.42
C ALA A 156 -1.34 -14.09 21.89
N SER A 157 -2.21 -14.57 21.01
CA SER A 157 -3.61 -14.81 21.35
C SER A 157 -4.33 -13.55 21.83
N LEU A 158 -3.98 -12.42 21.20
CA LEU A 158 -4.61 -11.16 21.56
C LEU A 158 -6.02 -11.07 20.97
N LYS A 159 -6.94 -10.52 21.76
CA LYS A 159 -8.32 -10.43 21.33
C LYS A 159 -8.67 -8.99 20.96
N ARG A 160 -9.64 -8.85 20.06
CA ARG A 160 -10.14 -7.54 19.68
C ARG A 160 -9.03 -6.66 19.13
N ASN A 161 -8.26 -7.20 18.19
CA ASN A 161 -7.23 -6.44 17.49
C ASN A 161 -7.89 -5.21 16.90
N PRO A 162 -7.41 -4.01 17.28
CA PRO A 162 -8.06 -2.79 16.78
C PRO A 162 -7.65 -2.42 15.36
N PHE A 163 -6.68 -3.12 14.79
CA PHE A 163 -6.23 -2.78 13.45
C PHE A 163 -7.10 -3.43 12.36
N HIS A 164 -7.30 -2.70 11.28
CA HIS A 164 -7.99 -3.24 10.11
C HIS A 164 -7.21 -4.46 9.62
N PRO A 165 -7.93 -5.55 9.30
CA PRO A 165 -7.29 -6.82 8.89
C PRO A 165 -6.57 -6.79 7.54
N PHE A 166 -6.83 -5.82 6.68
CA PHE A 166 -6.08 -5.78 5.42
C PHE A 166 -5.69 -4.42 4.86
N ALA A 167 -6.39 -3.37 5.30
CA ALA A 167 -6.13 -2.03 4.77
C ALA A 167 -4.93 -1.41 5.46
N THR A 168 -4.13 -0.68 4.70
CA THR A 168 -3.01 0.06 5.24
C THR A 168 -2.84 1.39 4.50
N PHE A 169 -2.03 2.26 5.08
CA PHE A 169 -1.59 3.48 4.43
C PHE A 169 -0.10 3.36 4.17
N ASP A 170 0.27 2.90 2.97
CA ASP A 170 1.67 2.70 2.61
C ASP A 170 2.36 4.04 2.30
N THR A 171 3.35 4.40 3.11
CA THR A 171 4.04 5.67 2.87
C THR A 171 4.98 5.67 1.66
N ALA A 172 5.33 4.51 1.16
CA ALA A 172 6.13 4.45 -0.08
C ALA A 172 5.27 4.92 -1.25
N ALA A 173 4.04 4.42 -1.34
CA ALA A 173 3.10 4.88 -2.35
C ALA A 173 2.73 6.37 -2.16
N LEU A 174 2.45 6.76 -0.91
CA LEU A 174 2.12 8.16 -0.63
C LEU A 174 3.27 9.10 -0.98
N ALA A 175 4.50 8.72 -0.64
CA ALA A 175 5.67 9.52 -1.02
C ALA A 175 5.88 9.54 -2.53
N GLY A 176 5.56 8.43 -3.20
CA GLY A 176 5.61 8.41 -4.64
C GLY A 176 4.77 9.52 -5.24
N LEU A 177 3.55 9.66 -4.74
CA LEU A 177 2.65 10.73 -5.17
C LEU A 177 3.17 12.10 -4.73
N ALA A 178 3.41 12.26 -3.43
CA ALA A 178 3.74 13.59 -2.89
C ALA A 178 5.09 14.13 -3.29
N LEU A 179 6.07 13.24 -3.40
CA LEU A 179 7.48 13.63 -3.44
C LEU A 179 8.23 13.03 -4.63
N GLY A 180 7.57 12.14 -5.36
CA GLY A 180 8.20 11.43 -6.45
C GLY A 180 9.31 10.47 -6.04
N GLN A 181 9.27 10.01 -4.79
CA GLN A 181 10.30 9.10 -4.25
C GLN A 181 9.66 7.99 -3.42
N THR A 182 10.21 6.78 -3.49
CA THR A 182 9.60 5.64 -2.78
C THR A 182 10.50 5.01 -1.72
N VAL A 183 11.79 5.35 -1.74
CA VAL A 183 12.72 4.85 -0.74
C VAL A 183 12.65 5.75 0.49
N LEU A 184 12.51 5.17 1.67
CA LEU A 184 12.27 5.98 2.88
C LEU A 184 13.28 7.10 3.08
N SER A 185 14.57 6.77 3.09
CA SER A 185 15.58 7.79 3.29
C SER A 185 15.46 8.90 2.25
N LYS A 186 15.27 8.54 0.98
CA LYS A 186 15.21 9.56 -0.07
C LYS A 186 13.96 10.41 0.04
N ALA A 187 12.84 9.78 0.39
CA ALA A 187 11.58 10.52 0.53
C ALA A 187 11.70 11.55 1.64
N CYS A 188 12.31 11.15 2.74
CA CYS A 188 12.51 12.08 3.87
C CYS A 188 13.40 13.24 3.47
N GLN A 189 14.51 12.96 2.80
CA GLN A 189 15.42 14.00 2.36
C GLN A 189 14.73 14.98 1.41
N THR A 190 13.95 14.44 0.47
CA THR A 190 13.22 15.25 -0.50
C THR A 190 12.19 16.14 0.17
N ALA A 191 11.63 15.65 1.28
CA ALA A 191 10.65 16.40 2.05
C ALA A 191 11.32 17.39 3.00
N GLY A 192 12.64 17.48 2.92
CA GLY A 192 13.39 18.42 3.74
C GLY A 192 13.68 17.94 5.14
N MET A 193 13.54 16.64 5.37
CA MET A 193 13.80 16.06 6.69
C MET A 193 15.23 15.52 6.80
N ASP A 194 15.78 15.48 8.01
CA ASP A 194 17.05 14.83 8.24
C ASP A 194 16.83 13.33 8.20
N PHE A 195 17.85 12.59 7.79
CA PHE A 195 17.81 11.13 7.89
C PHE A 195 19.22 10.59 8.13
N ASP A 196 19.39 9.99 9.31
CA ASP A 196 20.67 9.48 9.78
C ASP A 196 20.77 7.98 9.52
N SER A 197 21.59 7.60 8.55
CA SER A 197 21.65 6.19 8.15
C SER A 197 22.17 5.24 9.24
N THR A 198 22.86 5.77 10.24
CA THR A 198 23.36 4.93 11.34
C THR A 198 22.24 4.51 12.29
N GLN A 199 21.05 5.10 12.11
CA GLN A 199 19.91 4.77 12.95
C GLN A 199 18.84 4.00 12.17
N ALA A 200 19.10 3.74 10.90
CA ALA A 200 18.08 3.19 10.00
C ALA A 200 17.64 1.77 10.34
N HIS A 201 18.40 1.06 11.17
CA HIS A 201 17.99 -0.29 11.57
C HIS A 201 17.22 -0.32 12.90
N SER A 202 16.95 0.85 13.46
CA SER A 202 16.14 0.92 14.67
C SER A 202 14.67 1.12 14.31
N ALA A 203 13.80 0.22 14.78
CA ALA A 203 12.37 0.35 14.51
C ALA A 203 11.82 1.68 15.01
N LEU A 204 12.23 2.09 16.21
CA LEU A 204 11.81 3.39 16.73
C LEU A 204 12.17 4.56 15.81
N TYR A 205 13.44 4.65 15.43
CA TYR A 205 13.87 5.71 14.53
C TYR A 205 13.06 5.73 13.22
N ASP A 206 12.95 4.58 12.58
CA ASP A 206 12.21 4.50 11.32
C ASP A 206 10.76 4.89 11.51
N THR A 207 10.17 4.50 12.64
CA THR A 207 8.79 4.85 12.94
C THR A 207 8.60 6.36 13.10
N GLU A 208 9.51 7.01 13.80
CA GLU A 208 9.41 8.45 14.00
C GLU A 208 9.59 9.21 12.66
N ARG A 209 10.56 8.79 11.86
CA ARG A 209 10.76 9.44 10.56
C ARG A 209 9.56 9.23 9.65
N THR A 210 9.00 8.02 9.70
CA THR A 210 7.83 7.70 8.87
C THR A 210 6.63 8.51 9.32
N ALA A 211 6.47 8.67 10.64
CA ALA A 211 5.39 9.47 11.19
C ALA A 211 5.49 10.92 10.73
N VAL A 212 6.69 11.49 10.86
CA VAL A 212 6.92 12.85 10.40
C VAL A 212 6.69 13.01 8.89
N LEU A 213 7.11 12.01 8.12
CA LEU A 213 6.88 12.02 6.67
C LEU A 213 5.39 11.98 6.34
N PHE A 214 4.69 11.05 6.98
CA PHE A 214 3.26 10.92 6.74
C PHE A 214 2.55 12.24 7.07
N CYS A 215 2.91 12.81 8.21
CA CYS A 215 2.31 14.07 8.63
C CYS A 215 2.64 15.20 7.66
N GLU A 216 3.86 15.24 7.16
CA GLU A 216 4.25 16.27 6.19
C GLU A 216 3.40 16.17 4.92
N ILE A 217 3.15 14.95 4.49
CA ILE A 217 2.41 14.73 3.24
C ILE A 217 0.95 15.13 3.40
N VAL A 218 0.33 14.68 4.50
CA VAL A 218 -1.06 15.01 4.80
C VAL A 218 -1.21 16.53 4.94
N ASN A 219 -0.36 17.13 5.75
CA ASN A 219 -0.44 18.57 5.97
C ASN A 219 -0.14 19.42 4.72
N ARG A 220 0.80 19.00 3.87
CA ARG A 220 1.04 19.78 2.65
C ARG A 220 -0.15 19.71 1.68
N TRP A 221 -0.82 18.57 1.62
CA TRP A 221 -2.04 18.47 0.78
C TRP A 221 -3.11 19.43 1.28
N LYS A 222 -3.24 19.53 2.60
CA LYS A 222 -4.19 20.47 3.17
C LYS A 222 -3.74 21.88 2.87
N ARG A 223 -2.48 22.18 3.18
CA ARG A 223 -2.01 23.56 3.04
C ARG A 223 -2.07 24.07 1.60
N LEU A 224 -1.93 23.18 0.62
CA LEU A 224 -2.00 23.61 -0.77
C LEU A 224 -3.43 23.67 -1.30
N GLY A 225 -4.39 23.30 -0.47
CA GLY A 225 -5.78 23.49 -0.78
C GLY A 225 -6.45 22.26 -1.38
N GLY A 226 -5.87 21.10 -1.12
CA GLY A 226 -6.45 19.84 -1.59
C GLY A 226 -7.42 19.25 -0.59
N TRP A 227 -7.33 19.70 0.65
CA TRP A 227 -8.25 19.27 1.70
C TRP A 227 -8.58 20.44 2.63
N PRO A 228 -9.83 20.54 3.10
CA PRO A 228 -10.97 19.67 2.75
C PRO A 228 -11.40 19.90 1.30
N LEU A 229 -12.30 19.07 0.80
CA LEU A 229 -12.60 19.07 -0.64
C LEU A 229 -13.19 20.39 -1.11
N SER A 230 -13.75 21.14 -0.17
CA SER A 230 -14.39 22.42 -0.45
C SER A 230 -13.38 23.56 -0.57
N ALA A 231 -12.13 23.33 -0.16
CA ALA A 231 -11.17 24.42 -0.05
C ALA A 231 -10.81 25.05 -1.39
N ALA A 232 -10.81 24.25 -2.45
CA ALA A 232 -10.39 24.75 -3.75
C ALA A 232 -11.26 25.88 -4.27
N GLU A 233 -12.55 25.87 -3.92
CA GLU A 233 -13.46 26.90 -4.41
C GLU A 233 -13.54 28.10 -3.46
N GLU A 234 -12.93 27.98 -2.30
CA GLU A 234 -12.89 29.09 -1.34
C GLU A 234 -11.55 29.79 -1.41
N VAL A 235 -11.41 30.68 -2.39
CA VAL A 235 -10.17 31.43 -2.59
C VAL A 235 -9.77 32.24 -1.35
N LEU B 27 11.30 17.00 -17.00
CA LEU B 27 10.31 17.41 -16.02
C LEU B 27 8.98 16.68 -16.24
N THR B 28 8.51 16.68 -17.47
CA THR B 28 7.17 16.19 -17.78
C THR B 28 7.14 14.76 -18.29
N GLY B 29 8.24 14.03 -18.11
CA GLY B 29 8.31 12.66 -18.57
C GLY B 29 7.82 11.68 -17.51
N LEU B 30 7.24 10.57 -17.94
CA LEU B 30 6.77 9.56 -17.02
C LEU B 30 7.92 8.98 -16.20
N CYS B 31 9.09 8.83 -16.85
CA CYS B 31 10.26 8.28 -16.18
C CYS B 31 10.75 9.17 -15.05
N ASP B 32 10.37 10.44 -15.08
CA ASP B 32 10.81 11.39 -14.05
C ASP B 32 9.85 11.47 -12.87
N ARG B 33 8.65 10.90 -13.02
CA ARG B 33 7.59 11.12 -12.05
C ARG B 33 7.70 10.23 -10.81
N PHE B 34 8.03 8.96 -11.03
CA PHE B 34 8.09 7.98 -9.95
C PHE B 34 9.46 7.29 -9.88
N ARG B 35 10.51 8.10 -9.86
CA ARG B 35 11.90 7.62 -9.86
C ARG B 35 12.18 6.44 -10.79
N GLY B 36 11.57 6.47 -11.97
CA GLY B 36 11.84 5.46 -12.99
C GLY B 36 10.88 4.29 -12.96
N PHE B 37 9.91 4.31 -12.04
CA PHE B 37 8.89 3.28 -12.01
C PHE B 37 7.82 3.55 -13.07
N TYR B 38 7.43 2.48 -13.78
CA TYR B 38 6.38 2.51 -14.81
C TYR B 38 5.10 1.95 -14.19
N PRO B 39 4.14 2.82 -13.84
CA PRO B 39 2.98 2.34 -13.10
C PRO B 39 2.02 1.59 -14.03
N VAL B 40 1.59 0.40 -13.62
CA VAL B 40 0.65 -0.40 -14.41
C VAL B 40 -0.51 -0.77 -13.51
N VAL B 41 -1.73 -0.42 -13.91
CA VAL B 41 -2.91 -0.67 -13.09
C VAL B 41 -3.37 -2.11 -13.31
N ILE B 42 -3.64 -2.81 -12.22
CA ILE B 42 -3.99 -4.22 -12.29
C ILE B 42 -5.17 -4.53 -11.38
N ASP B 43 -6.11 -5.35 -11.85
CA ASP B 43 -7.08 -5.94 -10.95
C ASP B 43 -7.28 -7.41 -11.24
N VAL B 44 -7.57 -8.19 -10.20
CA VAL B 44 -7.79 -9.61 -10.34
C VAL B 44 -9.14 -10.02 -9.76
N GLU B 45 -9.75 -11.07 -10.32
CA GLU B 45 -10.82 -11.76 -9.65
C GLU B 45 -10.32 -13.17 -9.34
N THR B 46 -10.70 -13.68 -8.18
CA THR B 46 -10.11 -14.93 -7.70
C THR B 46 -11.16 -15.87 -7.14
N ALA B 47 -10.75 -17.10 -6.80
CA ALA B 47 -11.65 -18.07 -6.19
C ALA B 47 -11.37 -18.22 -4.70
N GLY B 48 -10.85 -17.16 -4.08
CA GLY B 48 -10.61 -17.20 -2.65
C GLY B 48 -9.62 -16.16 -2.20
N PHE B 49 -9.23 -16.22 -0.93
CA PHE B 49 -8.37 -15.19 -0.36
C PHE B 49 -6.87 -15.54 -0.36
N ASN B 50 -6.54 -16.78 -0.72
CA ASN B 50 -5.17 -17.26 -0.63
C ASN B 50 -4.48 -17.34 -2.00
N ALA B 51 -3.50 -16.46 -2.20
CA ALA B 51 -2.82 -16.36 -3.49
C ALA B 51 -2.04 -17.62 -3.88
N LYS B 52 -1.61 -18.39 -2.88
CA LYS B 52 -0.82 -19.59 -3.15
C LYS B 52 -1.69 -20.73 -3.63
N THR B 53 -2.87 -20.85 -3.04
CA THR B 53 -3.68 -22.05 -3.25
C THR B 53 -4.94 -21.87 -4.08
N ASP B 54 -5.44 -20.65 -4.18
CA ASP B 54 -6.74 -20.41 -4.83
C ASP B 54 -6.57 -19.90 -6.25
N ALA B 55 -7.51 -20.28 -7.12
CA ALA B 55 -7.40 -19.97 -8.53
C ALA B 55 -7.45 -18.47 -8.79
N LEU B 56 -6.70 -18.06 -9.80
CA LEU B 56 -6.83 -16.76 -10.41
C LEU B 56 -7.88 -16.94 -11.50
N LEU B 57 -8.88 -16.07 -11.54
CA LEU B 57 -10.01 -16.24 -12.47
C LEU B 57 -10.11 -15.14 -13.53
N GLU B 58 -9.69 -13.93 -13.19
CA GLU B 58 -9.68 -12.83 -14.17
C GLU B 58 -8.51 -11.90 -13.88
N ILE B 59 -7.96 -11.30 -14.93
CA ILE B 59 -6.97 -10.25 -14.74
C ILE B 59 -7.04 -9.22 -15.88
N ALA B 60 -6.91 -7.95 -15.51
CA ALA B 60 -6.84 -6.86 -16.48
C ALA B 60 -5.67 -5.97 -16.12
N ALA B 61 -5.11 -5.31 -17.13
CA ALA B 61 -3.95 -4.45 -16.93
C ALA B 61 -4.12 -3.22 -17.80
N ILE B 62 -3.76 -2.07 -17.25
CA ILE B 62 -3.83 -0.82 -17.99
C ILE B 62 -2.55 -0.04 -17.76
N THR B 63 -1.75 0.11 -18.81
CA THR B 63 -0.54 0.90 -18.68
C THR B 63 -0.96 2.37 -18.75
N LEU B 64 -0.06 3.24 -18.30
CA LEU B 64 -0.33 4.67 -18.31
C LEU B 64 0.72 5.38 -19.15
N LYS B 65 0.39 6.59 -19.59
CA LYS B 65 1.35 7.41 -20.32
C LYS B 65 1.19 8.86 -19.88
N MET B 66 2.21 9.66 -20.18
CA MET B 66 2.14 11.10 -19.89
C MET B 66 2.26 11.87 -21.18
N ASP B 67 1.40 12.86 -21.37
CA ASP B 67 1.51 13.68 -22.57
C ASP B 67 2.67 14.65 -22.42
N GLU B 68 2.84 15.52 -23.42
CA GLU B 68 3.98 16.43 -23.47
C GLU B 68 4.03 17.40 -22.28
N GLN B 69 2.87 17.75 -21.73
CA GLN B 69 2.80 18.66 -20.59
C GLN B 69 2.79 17.95 -19.23
N GLY B 70 2.94 16.63 -19.24
CA GLY B 70 3.10 15.88 -18.00
C GLY B 70 1.81 15.46 -17.32
N TRP B 71 0.74 15.35 -18.08
CA TRP B 71 -0.53 14.86 -17.53
C TRP B 71 -0.63 13.36 -17.76
N LEU B 72 -1.13 12.64 -16.77
CA LEU B 72 -1.15 11.18 -16.78
C LEU B 72 -2.50 10.66 -17.31
N MET B 73 -2.46 9.65 -18.16
CA MET B 73 -3.69 9.06 -18.68
C MET B 73 -3.47 7.61 -19.09
N PRO B 74 -4.56 6.83 -19.18
CA PRO B 74 -4.41 5.43 -19.61
C PRO B 74 -3.83 5.33 -21.01
N ASP B 75 -3.08 4.26 -21.25
CA ASP B 75 -2.44 4.00 -22.53
C ASP B 75 -3.02 2.73 -23.14
N THR B 76 -2.45 1.57 -22.80
CA THR B 76 -2.91 0.28 -23.32
C THR B 76 -3.73 -0.52 -22.30
N THR B 77 -4.86 -1.10 -22.74
CA THR B 77 -5.72 -1.90 -21.87
C THR B 77 -5.75 -3.38 -22.31
N LEU B 78 -5.47 -4.30 -21.38
CA LEU B 78 -5.57 -5.74 -21.64
C LEU B 78 -6.53 -6.38 -20.64
N HIS B 79 -7.21 -7.46 -21.04
CA HIS B 79 -8.14 -8.13 -20.14
C HIS B 79 -8.31 -9.61 -20.49
N PHE B 80 -8.36 -10.46 -19.46
CA PHE B 80 -8.46 -11.90 -19.67
C PHE B 80 -9.37 -12.58 -18.65
N HIS B 81 -10.10 -13.59 -19.13
CA HIS B 81 -10.65 -14.61 -18.27
C HIS B 81 -9.61 -15.71 -18.18
N VAL B 82 -9.33 -16.18 -16.97
CA VAL B 82 -8.22 -17.08 -16.74
C VAL B 82 -8.68 -18.46 -16.30
N GLU B 83 -8.12 -19.49 -16.91
CA GLU B 83 -8.41 -20.86 -16.53
C GLU B 83 -7.75 -21.17 -15.18
N PRO B 84 -8.51 -21.79 -14.24
CA PRO B 84 -7.91 -22.16 -12.96
C PRO B 84 -6.71 -23.08 -13.14
N PHE B 85 -5.66 -22.83 -12.38
CA PHE B 85 -4.47 -23.67 -12.55
C PHE B 85 -4.76 -25.08 -12.06
N VAL B 86 -4.04 -26.04 -12.62
CA VAL B 86 -4.23 -27.44 -12.23
C VAL B 86 -3.86 -27.61 -10.76
N GLY B 87 -4.82 -28.05 -9.96
CA GLY B 87 -4.62 -28.23 -8.53
C GLY B 87 -5.20 -27.10 -7.69
N ALA B 88 -5.74 -26.08 -8.35
CA ALA B 88 -6.29 -24.92 -7.67
C ALA B 88 -7.50 -25.24 -6.81
N ASN B 89 -7.59 -24.57 -5.66
CA ASN B 89 -8.81 -24.60 -4.85
C ASN B 89 -9.76 -23.52 -5.34
N LEU B 90 -11.06 -23.81 -5.24
CA LEU B 90 -12.11 -22.85 -5.60
C LEU B 90 -13.09 -22.77 -4.43
N GLN B 91 -13.07 -21.65 -3.71
CA GLN B 91 -13.98 -21.47 -2.59
C GLN B 91 -15.38 -21.12 -3.09
N PRO B 92 -16.40 -21.88 -2.67
CA PRO B 92 -17.78 -21.58 -3.10
C PRO B 92 -18.20 -20.16 -2.76
N GLU B 93 -17.82 -19.68 -1.57
CA GLU B 93 -18.19 -18.31 -1.16
C GLU B 93 -17.59 -17.27 -2.09
N ALA B 94 -16.38 -17.55 -2.58
CA ALA B 94 -15.72 -16.66 -3.54
C ALA B 94 -16.47 -16.60 -4.87
N LEU B 95 -16.87 -17.76 -5.38
CA LEU B 95 -17.62 -17.82 -6.62
C LEU B 95 -19.01 -17.18 -6.47
N ALA B 96 -19.60 -17.33 -5.29
CA ALA B 96 -20.88 -16.69 -5.02
C ALA B 96 -20.72 -15.17 -5.00
N PHE B 97 -19.60 -14.69 -4.47
CA PHE B 97 -19.35 -13.25 -4.39
C PHE B 97 -19.16 -12.63 -5.77
N ASN B 98 -18.29 -13.22 -6.58
CA ASN B 98 -17.95 -12.61 -7.87
C ASN B 98 -18.78 -13.10 -9.05
N GLY B 99 -19.60 -14.12 -8.81
CA GLY B 99 -20.51 -14.61 -9.85
C GLY B 99 -19.90 -15.41 -10.98
N ILE B 100 -18.62 -15.76 -10.85
CA ILE B 100 -17.92 -16.44 -11.92
C ILE B 100 -18.14 -17.94 -11.84
N ASP B 101 -18.42 -18.55 -12.99
CA ASP B 101 -18.49 -20.00 -13.11
C ASP B 101 -17.36 -20.48 -14.01
N PRO B 102 -16.25 -20.97 -13.40
CA PRO B 102 -15.06 -21.36 -14.18
C PRO B 102 -15.31 -22.53 -15.13
N ASN B 103 -16.40 -23.26 -14.93
CA ASN B 103 -16.71 -24.42 -15.76
C ASN B 103 -17.52 -24.09 -17.01
N ASP B 104 -17.93 -22.81 -17.14
CA ASP B 104 -18.72 -22.38 -18.28
C ASP B 104 -17.83 -22.28 -19.52
N PRO B 105 -18.05 -23.17 -20.50
CA PRO B 105 -17.14 -23.24 -21.66
C PRO B 105 -17.17 -22.00 -22.55
N ASP B 106 -18.16 -21.14 -22.38
CA ASP B 106 -18.27 -19.94 -23.20
C ASP B 106 -17.57 -18.73 -22.57
N ARG B 107 -16.77 -18.94 -21.51
CA ARG B 107 -16.10 -17.82 -20.85
C ARG B 107 -14.84 -17.37 -21.58
N GLY B 108 -14.44 -18.13 -22.60
CA GLY B 108 -13.30 -17.78 -23.42
C GLY B 108 -12.05 -17.57 -22.58
N ALA B 109 -11.80 -18.50 -21.67
CA ALA B 109 -10.64 -18.41 -20.78
C ALA B 109 -9.33 -18.75 -21.50
N VAL B 110 -8.24 -18.19 -20.98
CA VAL B 110 -6.90 -18.52 -21.44
C VAL B 110 -6.06 -18.91 -20.23
N SER B 111 -4.91 -19.53 -20.46
CA SER B 111 -4.05 -19.96 -19.34
C SER B 111 -3.37 -18.78 -18.66
N GLU B 112 -2.95 -18.96 -17.40
CA GLU B 112 -2.17 -17.95 -16.69
C GLU B 112 -0.96 -17.53 -17.51
N TYR B 113 -0.28 -18.51 -18.10
CA TYR B 113 0.87 -18.22 -18.94
C TYR B 113 0.51 -17.27 -20.08
N GLU B 114 -0.51 -17.63 -20.86
CA GLU B 114 -0.92 -16.81 -21.98
C GLU B 114 -1.24 -15.36 -21.55
N ALA B 115 -2.02 -15.21 -20.50
CA ALA B 115 -2.40 -13.88 -20.04
C ALA B 115 -1.17 -13.08 -19.56
N LEU B 116 -0.40 -13.64 -18.65
CA LEU B 116 0.72 -12.91 -18.07
C LEU B 116 1.84 -12.66 -19.08
N HIS B 117 2.09 -13.63 -19.96
CA HIS B 117 3.09 -13.43 -21.00
C HIS B 117 2.71 -12.24 -21.87
N GLU B 118 1.42 -12.09 -22.16
CA GLU B 118 0.96 -10.97 -22.97
C GLU B 118 1.06 -9.64 -22.20
N ILE B 119 0.69 -9.66 -20.92
CA ILE B 119 0.81 -8.45 -20.11
C ILE B 119 2.27 -8.03 -20.00
N PHE B 120 3.14 -8.98 -19.67
CA PHE B 120 4.56 -8.66 -19.51
C PHE B 120 5.20 -8.12 -20.79
N LYS B 121 4.78 -8.62 -21.95
CA LYS B 121 5.31 -8.12 -23.22
C LYS B 121 4.94 -6.65 -23.43
N VAL B 122 3.66 -6.32 -23.26
CA VAL B 122 3.24 -4.93 -23.41
C VAL B 122 3.97 -4.06 -22.40
N VAL B 123 4.15 -4.58 -21.19
CA VAL B 123 4.73 -3.78 -20.11
C VAL B 123 6.23 -3.51 -20.37
N ARG B 124 6.95 -4.53 -20.82
CA ARG B 124 8.37 -4.33 -21.13
C ARG B 124 8.51 -3.29 -22.25
N LYS B 125 7.61 -3.34 -23.22
CA LYS B 125 7.63 -2.39 -24.33
C LYS B 125 7.44 -0.96 -23.83
N GLY B 126 6.48 -0.77 -22.93
CA GLY B 126 6.20 0.55 -22.37
C GLY B 126 7.32 1.08 -21.50
N ILE B 127 7.92 0.21 -20.71
CA ILE B 127 9.07 0.58 -19.89
C ILE B 127 10.19 1.09 -20.80
N LYS B 128 10.48 0.34 -21.86
CA LYS B 128 11.56 0.72 -22.77
C LYS B 128 11.28 2.06 -23.46
N ALA B 129 10.11 2.17 -24.06
CA ALA B 129 9.71 3.37 -24.80
C ALA B 129 9.61 4.61 -23.93
N SER B 130 9.38 4.43 -22.63
CA SER B 130 9.25 5.58 -21.75
C SER B 130 10.55 5.91 -21.00
N GLY B 131 11.51 5.00 -21.05
CA GLY B 131 12.78 5.22 -20.39
C GLY B 131 12.73 4.90 -18.91
N CYS B 132 11.72 4.15 -18.49
CA CYS B 132 11.62 3.69 -17.11
C CYS B 132 12.54 2.50 -16.92
N ASN B 133 12.66 1.99 -15.70
CA ASN B 133 13.53 0.83 -15.50
C ASN B 133 12.84 -0.37 -14.88
N ARG B 134 11.61 -0.17 -14.40
CA ARG B 134 10.86 -1.24 -13.76
C ARG B 134 9.39 -0.86 -13.67
N ALA B 135 8.53 -1.86 -13.67
CA ALA B 135 7.10 -1.63 -13.51
C ALA B 135 6.76 -1.65 -12.01
N ILE B 136 5.74 -0.88 -11.63
CA ILE B 136 5.17 -0.99 -10.28
C ILE B 136 3.66 -1.13 -10.38
N MET B 137 3.10 -2.07 -9.61
CA MET B 137 1.66 -2.31 -9.69
C MET B 137 0.85 -1.23 -8.98
N VAL B 138 -0.15 -0.73 -9.68
CA VAL B 138 -1.13 0.17 -9.10
C VAL B 138 -2.41 -0.65 -8.91
N ALA B 139 -2.92 -0.71 -7.69
CA ALA B 139 -4.10 -1.52 -7.43
C ALA B 139 -4.81 -1.07 -6.16
N HIS B 140 -6.06 -1.48 -6.01
CA HIS B 140 -6.85 -1.06 -4.84
C HIS B 140 -6.76 -2.11 -3.75
N ASN B 141 -6.16 -1.74 -2.63
CA ASN B 141 -5.67 -2.72 -1.65
C ASN B 141 -4.66 -3.65 -2.34
N ALA B 142 -3.60 -3.00 -2.83
CA ALA B 142 -2.66 -3.57 -3.79
C ALA B 142 -2.01 -4.90 -3.43
N ASN B 143 -1.76 -5.14 -2.14
CA ASN B 143 -1.07 -6.38 -1.78
C ASN B 143 -1.79 -7.62 -2.29
N PHE B 144 -3.13 -7.55 -2.30
CA PHE B 144 -3.96 -8.67 -2.73
C PHE B 144 -3.68 -9.00 -4.20
N ASP B 145 -3.87 -8.02 -5.08
CA ASP B 145 -3.62 -8.23 -6.50
C ASP B 145 -2.17 -8.58 -6.79
N HIS B 146 -1.25 -7.93 -6.07
CA HIS B 146 0.16 -8.18 -6.25
C HIS B 146 0.49 -9.62 -5.91
N SER B 147 -0.02 -10.09 -4.78
CA SER B 147 0.24 -11.47 -4.37
C SER B 147 -0.32 -12.50 -5.37
N PHE B 148 -1.49 -12.24 -5.96
CA PHE B 148 -2.07 -13.19 -6.91
C PHE B 148 -1.32 -13.14 -8.23
N MET B 149 -0.99 -11.94 -8.70
CA MET B 149 -0.26 -11.86 -9.95
C MET B 149 1.11 -12.51 -9.84
N MET B 150 1.80 -12.29 -8.72
CA MET B 150 3.14 -12.84 -8.55
C MET B 150 3.08 -14.37 -8.45
N ALA B 151 2.06 -14.86 -7.75
CA ALA B 151 1.90 -16.31 -7.58
C ALA B 151 1.63 -16.98 -8.91
N ALA B 152 0.82 -16.34 -9.75
CA ALA B 152 0.55 -16.88 -11.09
C ALA B 152 1.79 -16.81 -11.98
N ALA B 153 2.59 -15.76 -11.81
CA ALA B 153 3.80 -15.61 -12.59
C ALA B 153 4.75 -16.77 -12.31
N GLU B 154 4.89 -17.13 -11.04
CA GLU B 154 5.75 -18.24 -10.63
C GLU B 154 5.24 -19.61 -11.12
N ARG B 155 3.93 -19.82 -11.05
CA ARG B 155 3.33 -21.06 -11.54
C ARG B 155 3.60 -21.24 -13.03
N ALA B 156 3.57 -20.13 -13.78
CA ALA B 156 3.74 -20.19 -15.23
C ALA B 156 5.21 -20.21 -15.66
N SER B 157 6.11 -20.05 -14.71
CA SER B 157 7.55 -20.05 -14.98
C SER B 157 7.99 -18.95 -15.95
N LEU B 158 7.36 -17.79 -15.84
CA LEU B 158 7.73 -16.65 -16.68
C LEU B 158 9.03 -16.06 -16.20
N LYS B 159 9.90 -15.71 -17.14
CA LYS B 159 11.19 -15.14 -16.78
C LYS B 159 11.20 -13.63 -16.94
N ARG B 160 12.06 -12.99 -16.17
CA ARG B 160 12.26 -11.55 -16.26
C ARG B 160 10.97 -10.78 -15.99
N ASN B 161 10.33 -11.10 -14.88
CA ASN B 161 9.12 -10.40 -14.44
C ASN B 161 9.45 -8.91 -14.33
N PRO B 162 8.74 -8.05 -15.08
CA PRO B 162 9.08 -6.62 -15.05
C PRO B 162 8.53 -5.85 -13.83
N PHE B 163 7.73 -6.48 -12.99
CA PHE B 163 7.17 -5.79 -11.83
C PHE B 163 8.11 -5.84 -10.64
N HIS B 164 8.11 -4.75 -9.85
CA HIS B 164 8.85 -4.74 -8.61
C HIS B 164 8.32 -5.86 -7.71
N PRO B 165 9.23 -6.60 -7.07
CA PRO B 165 8.83 -7.77 -6.27
C PRO B 165 8.06 -7.47 -4.97
N PHE B 166 8.07 -6.24 -4.48
CA PHE B 166 7.31 -5.91 -3.27
C PHE B 166 6.65 -4.52 -3.22
N ALA B 167 7.16 -3.56 -3.98
CA ALA B 167 6.59 -2.21 -3.99
C ALA B 167 5.30 -2.15 -4.80
N THR B 168 4.32 -1.39 -4.31
CA THR B 168 3.07 -1.15 -5.03
C THR B 168 2.64 0.30 -4.81
N PHE B 169 1.70 0.76 -5.63
CA PHE B 169 0.98 2.00 -5.37
C PHE B 169 -0.49 1.66 -5.04
N ASP B 170 -0.81 1.63 -3.76
CA ASP B 170 -2.15 1.23 -3.32
C ASP B 170 -3.12 2.42 -3.46
N THR B 171 -4.15 2.27 -4.28
CA THR B 171 -5.08 3.38 -4.48
C THR B 171 -6.04 3.60 -3.31
N ALA B 172 -6.19 2.62 -2.43
CA ALA B 172 -6.97 2.84 -1.21
C ALA B 172 -6.27 3.87 -0.30
N ALA B 173 -4.98 3.71 -0.08
CA ALA B 173 -4.18 4.68 0.68
C ALA B 173 -4.13 6.03 -0.05
N LEU B 174 -3.93 5.99 -1.36
CA LEU B 174 -3.87 7.22 -2.15
C LEU B 174 -5.19 7.99 -2.09
N ALA B 175 -6.31 7.29 -2.25
CA ALA B 175 -7.63 7.90 -2.12
C ALA B 175 -7.88 8.38 -0.69
N GLY B 176 -7.32 7.68 0.28
CA GLY B 176 -7.40 8.11 1.66
C GLY B 176 -6.84 9.52 1.81
N LEU B 177 -5.65 9.71 1.28
CA LEU B 177 -5.02 11.04 1.29
C LEU B 177 -5.80 12.05 0.46
N ALA B 178 -6.05 11.74 -0.81
CA ALA B 178 -6.59 12.72 -1.74
C ALA B 178 -8.07 13.03 -1.52
N LEU B 179 -8.82 12.01 -1.10
CA LEU B 179 -10.28 12.10 -1.13
C LEU B 179 -10.94 11.83 0.22
N GLY B 180 -10.17 11.35 1.18
CA GLY B 180 -10.72 11.01 2.48
C GLY B 180 -11.56 9.75 2.46
N GLN B 181 -11.38 8.92 1.44
CA GLN B 181 -12.19 7.72 1.27
C GLN B 181 -11.30 6.54 0.89
N THR B 182 -11.58 5.34 1.41
CA THR B 182 -10.74 4.18 1.07
C THR B 182 -11.44 3.09 0.26
N VAL B 183 -12.77 3.11 0.25
CA VAL B 183 -13.54 2.16 -0.53
C VAL B 183 -13.56 2.60 -2.00
N LEU B 184 -13.28 1.67 -2.91
CA LEU B 184 -13.16 2.04 -4.32
C LEU B 184 -14.39 2.78 -4.85
N SER B 185 -15.57 2.18 -4.69
CA SER B 185 -16.79 2.83 -5.19
C SER B 185 -16.94 4.25 -4.61
N LYS B 186 -16.70 4.40 -3.31
CA LYS B 186 -16.89 5.69 -2.65
C LYS B 186 -15.82 6.70 -3.07
N ALA B 187 -14.59 6.23 -3.20
CA ALA B 187 -13.51 7.11 -3.65
C ALA B 187 -13.80 7.62 -5.06
N CYS B 188 -14.30 6.74 -5.93
CA CYS B 188 -14.63 7.16 -7.29
C CYS B 188 -15.72 8.22 -7.29
N GLN B 189 -16.80 7.95 -6.54
CA GLN B 189 -17.91 8.90 -6.45
C GLN B 189 -17.46 10.26 -5.92
N THR B 190 -16.60 10.26 -4.89
CA THR B 190 -16.09 11.51 -4.33
C THR B 190 -15.23 12.26 -5.36
N ALA B 191 -14.55 11.52 -6.22
CA ALA B 191 -13.73 12.09 -7.29
C ALA B 191 -14.58 12.58 -8.47
N GLY B 192 -15.90 12.47 -8.34
CA GLY B 192 -16.80 12.91 -9.38
C GLY B 192 -16.92 11.94 -10.55
N MET B 193 -16.49 10.71 -10.33
CA MET B 193 -16.57 9.66 -11.35
C MET B 193 -17.85 8.85 -11.19
N ASP B 194 -18.32 8.29 -12.31
CA ASP B 194 -19.40 7.31 -12.27
C ASP B 194 -18.89 5.97 -11.75
N PHE B 195 -19.75 5.22 -11.06
CA PHE B 195 -19.41 3.85 -10.65
C PHE B 195 -20.63 2.94 -10.66
N ASP B 196 -20.60 1.93 -11.53
CA ASP B 196 -21.73 1.02 -11.77
C ASP B 196 -21.54 -0.29 -11.00
N SER B 197 -22.29 -0.46 -9.92
CA SER B 197 -22.14 -1.64 -9.06
C SER B 197 -22.43 -2.96 -9.76
N THR B 198 -23.19 -2.93 -10.84
CA THR B 198 -23.48 -4.16 -11.57
C THR B 198 -22.26 -4.66 -12.34
N GLN B 199 -21.23 -3.82 -12.43
CA GLN B 199 -20.00 -4.19 -13.15
C GLN B 199 -18.82 -4.37 -12.20
N ALA B 200 -19.08 -4.30 -10.90
CA ALA B 200 -18.02 -4.26 -9.87
C ALA B 200 -17.26 -5.56 -9.68
N HIS B 201 -17.75 -6.66 -10.25
CA HIS B 201 -17.08 -7.95 -10.14
C HIS B 201 -16.31 -8.29 -11.41
N SER B 202 -16.25 -7.34 -12.33
CA SER B 202 -15.44 -7.51 -13.53
C SER B 202 -14.05 -6.91 -13.30
N ALA B 203 -13.00 -7.73 -13.46
CA ALA B 203 -11.64 -7.24 -13.31
C ALA B 203 -11.39 -6.04 -14.21
N LEU B 204 -11.80 -6.14 -15.47
CA LEU B 204 -11.62 -5.05 -16.44
C LEU B 204 -12.26 -3.75 -15.98
N TYR B 205 -13.54 -3.82 -15.59
CA TYR B 205 -14.22 -2.61 -15.12
C TYR B 205 -13.48 -1.97 -13.93
N ASP B 206 -13.16 -2.78 -12.93
CA ASP B 206 -12.48 -2.27 -11.75
C ASP B 206 -11.12 -1.66 -12.10
N THR B 207 -10.44 -2.27 -13.07
CA THR B 207 -9.13 -1.77 -13.49
C THR B 207 -9.26 -0.39 -14.15
N GLU B 208 -10.25 -0.25 -15.02
CA GLU B 208 -10.47 1.04 -15.69
C GLU B 208 -10.87 2.13 -14.69
N ARG B 209 -11.74 1.80 -13.75
CA ARG B 209 -12.13 2.80 -12.74
C ARG B 209 -10.93 3.17 -11.87
N THR B 210 -10.14 2.17 -11.48
CA THR B 210 -8.95 2.40 -10.66
C THR B 210 -7.92 3.25 -11.40
N ALA B 211 -7.83 3.04 -12.71
CA ALA B 211 -6.87 3.77 -13.53
C ALA B 211 -7.26 5.24 -13.58
N VAL B 212 -8.55 5.50 -13.80
CA VAL B 212 -9.04 6.86 -13.91
C VAL B 212 -8.91 7.57 -12.57
N LEU B 213 -9.12 6.81 -11.49
CA LEU B 213 -8.98 7.34 -10.13
C LEU B 213 -7.54 7.73 -9.82
N PHE B 214 -6.61 6.83 -10.11
CA PHE B 214 -5.18 7.10 -9.93
C PHE B 214 -4.74 8.31 -10.73
N CYS B 215 -5.24 8.40 -11.97
CA CYS B 215 -4.88 9.53 -12.82
C CYS B 215 -5.47 10.84 -12.29
N GLU B 216 -6.71 10.79 -11.82
CA GLU B 216 -7.33 11.98 -11.23
C GLU B 216 -6.52 12.46 -10.01
N ILE B 217 -6.08 11.52 -9.18
CA ILE B 217 -5.28 11.85 -8.00
C ILE B 217 -3.92 12.47 -8.34
N VAL B 218 -3.19 11.87 -9.27
CA VAL B 218 -1.88 12.39 -9.65
C VAL B 218 -2.04 13.74 -10.35
N ASN B 219 -3.02 13.81 -11.24
CA ASN B 219 -3.21 15.03 -12.01
C ASN B 219 -3.68 16.22 -11.17
N ARG B 220 -4.55 15.98 -10.19
CA ARG B 220 -4.98 17.07 -9.32
C ARG B 220 -3.88 17.53 -8.39
N TRP B 221 -2.99 16.61 -8.02
CA TRP B 221 -1.81 16.96 -7.22
C TRP B 221 -1.00 17.95 -8.02
N LYS B 222 -0.82 17.65 -9.30
CA LYS B 222 -0.07 18.55 -10.17
C LYS B 222 -0.81 19.87 -10.35
N ARG B 223 -2.11 19.81 -10.61
CA ARG B 223 -2.88 21.02 -10.91
C ARG B 223 -2.88 22.01 -9.75
N LEU B 224 -2.89 21.50 -8.51
CA LEU B 224 -2.90 22.39 -7.34
C LEU B 224 -1.52 22.84 -6.94
N GLY B 225 -0.51 22.53 -7.76
CA GLY B 225 0.82 23.04 -7.56
C GLY B 225 1.68 22.22 -6.64
N GLY B 226 1.33 20.94 -6.47
CA GLY B 226 2.09 20.05 -5.62
C GLY B 226 3.25 19.41 -6.34
N TRP B 227 3.14 19.32 -7.66
CA TRP B 227 4.18 18.75 -8.51
C TRP B 227 4.28 19.59 -9.79
N PRO B 228 5.51 19.78 -10.30
CA PRO B 228 6.79 19.40 -9.71
C PRO B 228 7.07 20.13 -8.41
N LEU B 229 8.08 19.69 -7.68
CA LEU B 229 8.38 20.27 -6.37
C LEU B 229 8.64 21.78 -6.51
N SER B 230 9.14 22.17 -7.68
CA SER B 230 9.46 23.58 -7.95
C SER B 230 8.22 24.47 -8.07
N ALA B 231 7.07 23.86 -8.34
CA ALA B 231 5.88 24.61 -8.74
C ALA B 231 5.38 25.61 -7.69
N ALA B 232 5.49 25.25 -6.42
CA ALA B 232 4.92 26.07 -5.37
C ALA B 232 5.53 27.48 -5.29
N GLU B 233 6.80 27.60 -5.68
CA GLU B 233 7.49 28.89 -5.63
C GLU B 233 7.36 29.71 -6.90
N GLU B 234 6.62 29.17 -7.89
CA GLU B 234 6.42 29.88 -9.14
C GLU B 234 4.93 30.20 -9.36
N VAL B 235 4.46 31.22 -8.65
CA VAL B 235 3.05 31.64 -8.74
C VAL B 235 2.78 32.53 -9.94
MG MG E . 10.87 -0.94 7.69
CO CO F . 20.32 -3.47 22.63
MG MG G . -10.14 -5.84 -6.57
#